data_3TG5
#
_entry.id   3TG5
#
_cell.length_a   53.360
_cell.length_b   71.670
_cell.length_c   121.250
_cell.angle_alpha   90.00
_cell.angle_beta   90.00
_cell.angle_gamma   90.00
#
_symmetry.space_group_name_H-M   'P 21 21 21'
#
loop_
_entity.id
_entity.type
_entity.pdbx_description
1 polymer 'N-lysine methyltransferase SMYD2'
2 polymer 'Cellular tumor antigen p53'
3 non-polymer GLYCEROL
4 non-polymer S-ADENOSYL-L-HOMOCYSTEINE
5 non-polymer 'ZINC ION'
6 water water
#
loop_
_entity_poly.entity_id
_entity_poly.type
_entity_poly.pdbx_seq_one_letter_code
_entity_poly.pdbx_strand_id
1 'polypeptide(L)'
;MRAEGLGGLERFCSPGKGRGLRALQPFQVGDLLFSCPAYAYVLTVNERGNHCEYCFTRKEGLSKCGRCKQAFYCNVECQK
EDWPMHKLECSPMVVFGENWNPSETVRLTARILAKQKIHPERTPSEKLLAVKEFESHLDKLDNEKKDLIQSDIAALHHFY
SKHLGFPDNDSLVVLFAQVNCNGFTIEDEELSHLGSAIFPDVALMNHSCCPNVIVTYKGTLAEVRAVQEIKPGEEVFTSY
IDLLYPTEDRNDRLRDSYFFTCECQECTTKDKDKAKVEIRKLSDPPKAEAIRDMVRYARNVIEEFRRAKHYKSPSELLEI
CELSQEKMSSVFEDSNVYMLHMMYQAMGVCLYMQDWEGALQYGQKIIKPYSKHYPLYSLNVASMWLKLGRLYMGLEHKAA
GEKALKKAIAIMEVAHGKDHPYISEIKQEIESH
;
A
2 'polypeptide(L)' HSSHLKSKKGQ B
#
loop_
_chem_comp.id
_chem_comp.type
_chem_comp.name
_chem_comp.formula
GOL non-polymer GLYCEROL 'C3 H8 O3'
ZN non-polymer 'ZINC ION' 'Zn 2'
#
# COMPACT_ATOMS: atom_id res chain seq x y z
N LEU A 6 12.06 -16.39 -12.16
CA LEU A 6 10.79 -17.16 -12.35
C LEU A 6 11.06 -18.58 -12.87
N GLY A 7 12.34 -18.92 -13.01
CA GLY A 7 12.75 -20.26 -13.43
C GLY A 7 12.53 -21.30 -12.35
N GLY A 8 12.84 -20.94 -11.11
CA GLY A 8 12.61 -21.83 -9.95
C GLY A 8 11.28 -21.56 -9.28
N LEU A 9 10.29 -21.15 -10.06
CA LEU A 9 8.94 -20.88 -9.60
C LEU A 9 7.94 -21.32 -10.66
N GLU A 10 6.71 -21.62 -10.24
CA GLU A 10 5.66 -21.99 -11.17
C GLU A 10 4.27 -21.66 -10.64
N ARG A 11 3.36 -21.35 -11.56
CA ARG A 11 1.96 -21.20 -11.19
C ARG A 11 1.32 -22.59 -11.11
N PHE A 12 0.33 -22.71 -10.22
CA PHE A 12 -0.37 -23.97 -10.01
C PHE A 12 -1.75 -23.66 -9.45
N CYS A 13 -2.60 -24.68 -9.41
CA CYS A 13 -3.92 -24.53 -8.82
C CYS A 13 -3.86 -24.83 -7.33
N SER A 14 -4.02 -23.78 -6.53
CA SER A 14 -4.05 -23.88 -5.08
C SER A 14 -5.48 -24.13 -4.62
N PRO A 15 -5.73 -25.28 -3.96
CA PRO A 15 -7.07 -25.72 -3.54
C PRO A 15 -7.80 -24.69 -2.67
N GLY A 16 -8.93 -24.21 -3.16
CA GLY A 16 -9.74 -23.21 -2.46
C GLY A 16 -9.22 -21.78 -2.59
N LYS A 17 -8.24 -21.59 -3.47
CA LYS A 17 -7.58 -20.29 -3.65
C LYS A 17 -7.48 -19.86 -5.11
N GLY A 18 -7.84 -20.76 -6.02
CA GLY A 18 -7.65 -20.52 -7.45
C GLY A 18 -6.22 -20.81 -7.85
N ARG A 19 -5.66 -19.93 -8.68
CA ARG A 19 -4.25 -20.03 -9.08
C ARG A 19 -3.34 -19.44 -8.00
N GLY A 20 -2.09 -19.85 -7.99
CA GLY A 20 -1.11 -19.33 -7.04
C GLY A 20 0.32 -19.52 -7.53
N LEU A 21 1.28 -19.12 -6.71
CA LEU A 21 2.69 -19.28 -7.06
C LEU A 21 3.39 -20.17 -6.03
N ARG A 22 4.15 -21.15 -6.52
CA ARG A 22 4.91 -22.03 -5.63
C ARG A 22 6.37 -22.12 -6.04
N ALA A 23 7.22 -22.34 -5.04
CA ALA A 23 8.66 -22.46 -5.25
C ALA A 23 9.04 -23.84 -5.79
N LEU A 24 9.97 -23.86 -6.73
CA LEU A 24 10.53 -25.11 -7.25
C LEU A 24 11.91 -25.35 -6.65
N GLN A 25 12.38 -24.39 -5.85
CA GLN A 25 13.69 -24.44 -5.22
C GLN A 25 13.64 -23.71 -3.88
N PRO A 26 14.60 -24.00 -2.97
CA PRO A 26 14.60 -23.33 -1.67
C PRO A 26 14.93 -21.85 -1.74
N PHE A 27 14.34 -21.07 -0.84
CA PHE A 27 14.66 -19.65 -0.70
C PHE A 27 14.93 -19.32 0.76
N GLN A 28 16.10 -18.74 1.01
CA GLN A 28 16.44 -18.27 2.35
C GLN A 28 15.90 -16.85 2.54
N VAL A 29 15.78 -16.44 3.80
CA VAL A 29 15.38 -15.07 4.13
C VAL A 29 16.32 -14.07 3.44
N GLY A 30 15.74 -13.13 2.69
CA GLY A 30 16.51 -12.12 2.00
C GLY A 30 16.62 -12.35 0.50
N ASP A 31 16.60 -13.60 0.08
CA ASP A 31 16.73 -13.98 -1.33
C ASP A 31 15.66 -13.34 -2.20
N LEU A 32 16.08 -12.85 -3.36
CA LEU A 32 15.14 -12.36 -4.37
C LEU A 32 14.52 -13.56 -5.09
N LEU A 33 13.21 -13.67 -5.01
CA LEU A 33 12.47 -14.70 -5.73
C LEU A 33 12.37 -14.34 -7.22
N PHE A 34 11.92 -13.12 -7.47
CA PHE A 34 11.83 -12.56 -8.82
C PHE A 34 11.53 -11.07 -8.76
N SER A 35 11.81 -10.38 -9.87
CA SER A 35 11.39 -9.00 -10.05
C SER A 35 10.38 -8.94 -11.19
N CYS A 36 9.50 -7.96 -11.13
CA CYS A 36 8.46 -7.78 -12.13
C CYS A 36 8.36 -6.33 -12.56
N PRO A 37 8.52 -6.07 -13.88
CA PRO A 37 8.33 -4.71 -14.39
C PRO A 37 6.84 -4.35 -14.37
N ALA A 38 6.54 -3.08 -14.11
CA ALA A 38 5.17 -2.61 -14.08
C ALA A 38 4.57 -2.64 -15.48
N TYR A 39 3.46 -3.38 -15.61
CA TYR A 39 2.71 -3.42 -16.86
C TYR A 39 2.10 -2.05 -17.13
N ALA A 40 1.36 -1.56 -16.14
CA ALA A 40 0.86 -0.20 -16.12
C ALA A 40 1.14 0.38 -14.74
N TYR A 41 1.33 1.69 -14.68
CA TYR A 41 1.61 2.39 -13.42
C TYR A 41 1.23 3.85 -13.56
N VAL A 42 0.98 4.50 -12.43
CA VAL A 42 0.62 5.91 -12.41
C VAL A 42 1.07 6.57 -11.11
N LEU A 43 1.73 7.71 -11.21
CA LEU A 43 2.11 8.50 -10.04
C LEU A 43 0.89 9.21 -9.49
N THR A 44 0.74 9.19 -8.16
CA THR A 44 -0.38 9.85 -7.50
C THR A 44 -0.29 11.37 -7.64
N VAL A 45 -1.45 12.02 -7.67
CA VAL A 45 -1.54 13.47 -7.90
C VAL A 45 -0.73 14.27 -6.88
N ASN A 46 -0.88 13.93 -5.61
CA ASN A 46 -0.23 14.67 -4.52
C ASN A 46 1.28 14.46 -4.43
N GLU A 47 1.83 13.63 -5.31
CA GLU A 47 3.27 13.42 -5.43
C GLU A 47 3.86 14.01 -6.72
N ARG A 48 3.02 14.71 -7.49
CA ARG A 48 3.48 15.40 -8.70
C ARG A 48 4.44 16.53 -8.33
N GLY A 49 5.53 16.63 -9.09
CA GLY A 49 6.56 17.63 -8.84
C GLY A 49 7.70 17.17 -7.95
N ASN A 50 7.51 16.03 -7.30
CA ASN A 50 8.51 15.46 -6.40
C ASN A 50 9.05 14.13 -6.92
N HIS A 51 8.33 13.55 -7.87
CA HIS A 51 8.70 12.26 -8.47
C HIS A 51 8.58 12.29 -9.97
N CYS A 52 9.52 11.62 -10.65
CA CYS A 52 9.43 11.40 -12.08
C CYS A 52 8.25 10.50 -12.38
N GLU A 53 7.44 10.87 -13.37
CA GLU A 53 6.23 10.13 -13.70
C GLU A 53 6.48 8.86 -14.50
N TYR A 54 7.67 8.73 -15.10
CA TYR A 54 8.01 7.53 -15.87
C TYR A 54 8.69 6.45 -15.03
N CYS A 55 9.72 6.82 -14.29
CA CYS A 55 10.53 5.82 -13.57
C CYS A 55 10.45 5.97 -12.04
N PHE A 56 9.61 6.90 -11.58
CA PHE A 56 9.33 7.10 -10.16
C PHE A 56 10.56 7.49 -9.33
N THR A 57 11.63 7.89 -10.03
CA THR A 57 12.85 8.33 -9.38
C THR A 57 12.58 9.63 -8.65
N ARG A 58 12.90 9.65 -7.39
CA ARG A 58 12.73 10.84 -6.64
C ARG A 58 14.01 11.64 -6.75
N LYS A 59 13.88 12.86 -7.23
CA LYS A 59 14.99 13.78 -7.41
C LYS A 59 14.48 15.21 -7.40
N GLU A 60 15.38 16.18 -7.33
CA GLU A 60 15.04 17.57 -7.56
C GLU A 60 15.39 17.98 -9.00
N GLY A 61 14.80 19.08 -9.45
CA GLY A 61 15.07 19.62 -10.78
C GLY A 61 14.43 18.86 -11.93
N LEU A 62 13.16 18.49 -11.76
CA LEU A 62 12.41 17.79 -12.81
C LEU A 62 11.89 18.76 -13.86
N SER A 63 11.97 18.33 -15.12
CA SER A 63 11.50 19.11 -16.26
C SER A 63 9.98 19.04 -16.36
N LYS A 64 9.34 20.20 -16.29
CA LYS A 64 7.90 20.31 -16.48
C LYS A 64 7.52 19.97 -17.91
N CYS A 65 6.38 19.31 -18.09
CA CYS A 65 5.82 19.11 -19.42
C CYS A 65 5.34 20.46 -19.93
N GLY A 66 6.04 20.98 -20.94
CA GLY A 66 5.84 22.33 -21.45
C GLY A 66 4.40 22.71 -21.80
N ARG A 67 3.57 21.71 -22.11
CA ARG A 67 2.20 21.95 -22.51
C ARG A 67 1.19 21.99 -21.34
N CYS A 68 1.27 21.01 -20.45
CA CYS A 68 0.33 20.93 -19.32
C CYS A 68 0.86 21.58 -18.04
N LYS A 69 2.18 21.59 -17.89
CA LYS A 69 2.86 22.12 -16.69
C LYS A 69 2.46 21.39 -15.41
N GLN A 70 2.12 20.11 -15.55
CA GLN A 70 1.59 19.32 -14.44
C GLN A 70 2.25 17.95 -14.35
N ALA A 71 2.97 17.57 -15.41
CA ALA A 71 3.79 16.36 -15.42
C ALA A 71 5.26 16.72 -15.35
N PHE A 72 6.01 15.96 -14.56
CA PHE A 72 7.42 16.22 -14.32
C PHE A 72 8.26 15.00 -14.69
N TYR A 73 9.46 15.23 -15.21
CA TYR A 73 10.31 14.15 -15.71
C TYR A 73 11.78 14.34 -15.36
N CYS A 74 12.51 13.22 -15.25
CA CYS A 74 13.96 13.25 -15.03
C CYS A 74 14.66 14.03 -16.14
N ASN A 75 14.20 13.84 -17.37
CA ASN A 75 14.77 14.49 -18.55
C ASN A 75 13.81 14.43 -19.75
N VAL A 76 14.38 14.60 -20.95
CA VAL A 76 13.61 14.50 -22.19
C VAL A 76 13.33 13.04 -22.58
N GLU A 77 14.27 12.16 -22.25
CA GLU A 77 14.12 10.72 -22.52
C GLU A 77 12.97 10.10 -21.72
N CYS A 78 12.88 10.44 -20.44
CA CYS A 78 11.79 9.99 -19.58
C CYS A 78 10.46 10.64 -19.98
N GLN A 79 10.55 11.84 -20.54
CA GLN A 79 9.38 12.54 -21.07
C GLN A 79 8.86 11.85 -22.34
N LYS A 80 9.78 11.53 -23.24
CA LYS A 80 9.44 10.92 -24.52
C LYS A 80 9.02 9.46 -24.37
N GLU A 81 9.61 8.76 -23.41
CA GLU A 81 9.32 7.35 -23.16
C GLU A 81 7.97 7.20 -22.46
N ASP A 82 7.59 8.21 -21.68
CA ASP A 82 6.30 8.23 -20.96
C ASP A 82 5.18 8.82 -21.82
N TRP A 83 5.55 9.53 -22.88
CA TRP A 83 4.57 10.24 -23.72
C TRP A 83 3.34 9.39 -24.15
N PRO A 84 3.56 8.14 -24.61
CA PRO A 84 2.40 7.29 -24.95
C PRO A 84 1.37 7.14 -23.82
N MET A 85 1.85 7.15 -22.58
CA MET A 85 0.97 7.07 -21.41
C MET A 85 0.49 8.46 -20.97
N HIS A 86 1.36 9.46 -21.12
CA HIS A 86 1.02 10.83 -20.73
C HIS A 86 0.06 11.51 -21.71
N LYS A 87 0.09 11.11 -22.98
CA LYS A 87 -0.77 11.69 -24.01
C LYS A 87 -2.26 11.43 -23.77
N LEU A 88 -2.56 10.53 -22.84
CA LEU A 88 -3.93 10.28 -22.42
C LEU A 88 -4.40 11.40 -21.48
N GLU A 89 -3.44 12.19 -20.99
CA GLU A 89 -3.70 13.19 -19.96
C GLU A 89 -3.17 14.59 -20.26
N CYS A 90 -2.17 14.68 -21.15
CA CYS A 90 -1.46 15.94 -21.43
C CYS A 90 -2.37 17.10 -21.81
N SER A 91 -3.29 16.86 -22.76
CA SER A 91 -4.21 17.89 -23.23
C SER A 91 -5.47 18.05 -22.35
N PRO A 92 -6.05 16.92 -21.88
CA PRO A 92 -7.19 17.03 -20.95
C PRO A 92 -6.88 17.81 -19.68
N MET A 93 -5.62 17.82 -19.26
CA MET A 93 -5.22 18.62 -18.10
C MET A 93 -5.21 20.11 -18.39
N VAL A 94 -4.86 20.48 -19.62
CA VAL A 94 -4.89 21.88 -20.06
C VAL A 94 -6.34 22.33 -20.27
N VAL A 95 -7.13 21.47 -20.92
CA VAL A 95 -8.52 21.79 -21.29
C VAL A 95 -9.46 21.80 -20.08
N PHE A 96 -9.47 20.71 -19.31
CA PHE A 96 -10.36 20.58 -18.16
C PHE A 96 -9.98 21.50 -16.98
N GLY A 97 -8.72 21.94 -16.96
CA GLY A 97 -8.24 22.87 -15.95
C GLY A 97 -8.14 22.25 -14.57
N GLU A 98 -8.86 22.83 -13.61
CA GLU A 98 -8.91 22.32 -12.24
C GLU A 98 -10.13 21.43 -11.97
N ASN A 99 -10.79 21.02 -13.05
CA ASN A 99 -11.90 20.05 -12.99
C ASN A 99 -11.53 18.69 -13.56
N TRP A 100 -10.25 18.50 -13.86
CA TRP A 100 -9.72 17.20 -14.23
C TRP A 100 -9.46 16.42 -12.94
N ASN A 101 -10.47 15.68 -12.48
CA ASN A 101 -10.38 14.95 -11.22
C ASN A 101 -10.67 13.44 -11.32
N PRO A 102 -9.98 12.74 -12.24
CA PRO A 102 -10.24 11.30 -12.33
C PRO A 102 -9.52 10.55 -11.22
N SER A 103 -10.23 9.63 -10.57
CA SER A 103 -9.66 8.83 -9.49
C SER A 103 -8.47 8.02 -9.98
N GLU A 104 -7.55 7.71 -9.07
CA GLU A 104 -6.32 7.00 -9.41
C GLU A 104 -6.56 5.66 -10.10
N THR A 105 -7.72 5.05 -9.82
CA THR A 105 -8.12 3.80 -10.45
C THR A 105 -8.38 4.00 -11.94
N VAL A 106 -9.16 5.03 -12.26
CA VAL A 106 -9.47 5.42 -13.65
C VAL A 106 -8.20 5.74 -14.43
N ARG A 107 -7.30 6.50 -13.79
CA ARG A 107 -6.00 6.86 -14.38
C ARG A 107 -5.21 5.62 -14.76
N LEU A 108 -5.14 4.66 -13.84
CA LEU A 108 -4.41 3.41 -14.05
C LEU A 108 -5.07 2.55 -15.12
N THR A 109 -6.39 2.43 -15.05
CA THR A 109 -7.16 1.64 -16.01
C THR A 109 -6.96 2.18 -17.43
N ALA A 110 -6.92 3.50 -17.55
CA ALA A 110 -6.65 4.17 -18.82
C ALA A 110 -5.35 3.71 -19.45
N ARG A 111 -4.29 3.67 -18.65
CA ARG A 111 -2.97 3.27 -19.13
C ARG A 111 -2.94 1.81 -19.56
N ILE A 112 -3.78 1.00 -18.91
CA ILE A 112 -3.88 -0.42 -19.21
C ILE A 112 -4.32 -0.62 -20.66
N LEU A 113 -5.38 0.09 -21.05
CA LEU A 113 -5.97 -0.01 -22.39
C LEU A 113 -5.03 0.50 -23.47
N ALA A 114 -4.34 1.60 -23.17
CA ALA A 114 -3.34 2.17 -24.08
C ALA A 114 -2.19 1.19 -24.33
N LYS A 115 -1.81 0.47 -23.28
CA LYS A 115 -0.75 -0.54 -23.35
C LYS A 115 -1.14 -1.74 -24.20
N GLN A 116 -2.43 -2.10 -24.16
CA GLN A 116 -2.97 -3.20 -24.96
C GLN A 116 -3.00 -2.88 -26.45
N LYS A 117 -3.08 -1.58 -26.77
CA LYS A 117 -3.05 -1.12 -28.16
C LYS A 117 -1.62 -1.16 -28.72
N ILE A 118 -0.67 -0.67 -27.93
CA ILE A 118 0.73 -0.60 -28.34
C ILE A 118 1.41 -1.97 -28.31
N HIS A 119 1.18 -2.72 -27.23
CA HIS A 119 1.86 -4.00 -26.99
C HIS A 119 0.82 -5.10 -26.72
N PRO A 120 0.08 -5.53 -27.77
CA PRO A 120 -1.01 -6.49 -27.58
C PRO A 120 -0.54 -7.91 -27.20
N GLU A 121 0.71 -8.22 -27.49
CA GLU A 121 1.28 -9.52 -27.17
C GLU A 121 1.90 -9.56 -25.76
N ARG A 122 2.24 -10.77 -25.31
CA ARG A 122 2.76 -10.99 -23.96
C ARG A 122 3.97 -10.11 -23.64
N THR A 123 3.87 -9.39 -22.52
CA THR A 123 4.94 -8.47 -22.07
C THR A 123 5.88 -9.18 -21.07
N PRO A 124 7.04 -8.56 -20.76
CA PRO A 124 7.92 -9.09 -19.71
C PRO A 124 7.29 -9.03 -18.31
N SER A 125 6.11 -8.43 -18.21
CA SER A 125 5.38 -8.33 -16.96
C SER A 125 4.47 -9.55 -16.73
N GLU A 126 4.14 -10.23 -17.81
CA GLU A 126 3.13 -11.29 -17.79
C GLU A 126 3.70 -12.67 -18.16
N LYS A 127 4.82 -13.03 -17.53
CA LYS A 127 5.50 -14.29 -17.82
C LYS A 127 4.69 -15.52 -17.37
N LEU A 128 3.98 -15.39 -16.25
CA LEU A 128 3.20 -16.49 -15.68
C LEU A 128 1.70 -16.20 -15.58
N LEU A 129 1.34 -14.92 -15.53
CA LEU A 129 -0.06 -14.51 -15.49
C LEU A 129 -0.27 -13.25 -16.31
N ALA A 130 -1.22 -13.30 -17.23
CA ALA A 130 -1.54 -12.18 -18.11
C ALA A 130 -2.69 -11.33 -17.56
N VAL A 131 -2.71 -10.06 -17.93
CA VAL A 131 -3.75 -9.12 -17.50
C VAL A 131 -5.16 -9.61 -17.88
N LYS A 132 -5.29 -10.18 -19.08
CA LYS A 132 -6.55 -10.76 -19.54
C LYS A 132 -6.97 -11.96 -18.71
N GLU A 133 -5.99 -12.63 -18.10
CA GLU A 133 -6.23 -13.82 -17.27
C GLU A 133 -6.53 -13.49 -15.80
N PHE A 134 -6.47 -12.22 -15.44
CA PHE A 134 -6.76 -11.79 -14.06
C PHE A 134 -8.14 -12.25 -13.59
N GLU A 135 -8.23 -12.60 -12.31
CA GLU A 135 -9.52 -12.84 -11.67
C GLU A 135 -10.25 -11.51 -11.54
N SER A 136 -11.55 -11.54 -11.78
CA SER A 136 -12.37 -10.33 -11.68
C SER A 136 -13.38 -10.42 -10.53
N HIS A 137 -13.87 -11.64 -10.27
CA HIS A 137 -14.97 -11.89 -9.33
C HIS A 137 -16.27 -11.18 -9.76
N LEU A 138 -16.46 -11.07 -11.07
CA LEU A 138 -17.67 -10.49 -11.68
C LEU A 138 -18.94 -11.11 -11.10
N ASP A 139 -18.92 -12.42 -10.91
CA ASP A 139 -20.04 -13.17 -10.36
C ASP A 139 -20.40 -12.81 -8.91
N LYS A 140 -19.42 -12.29 -8.17
CA LYS A 140 -19.60 -11.95 -6.76
C LYS A 140 -20.08 -10.51 -6.53
N LEU A 141 -19.82 -9.65 -7.51
CA LEU A 141 -20.13 -8.21 -7.40
C LEU A 141 -21.59 -7.94 -7.07
N ASP A 142 -21.82 -7.10 -6.06
CA ASP A 142 -23.17 -6.65 -5.69
C ASP A 142 -23.51 -5.32 -6.37
N ASN A 143 -24.61 -4.70 -5.93
CA ASN A 143 -25.06 -3.42 -6.49
C ASN A 143 -24.05 -2.30 -6.33
N GLU A 144 -23.65 -2.03 -5.09
CA GLU A 144 -22.73 -0.94 -4.77
C GLU A 144 -21.40 -1.04 -5.52
N LYS A 145 -20.87 -2.25 -5.65
CA LYS A 145 -19.60 -2.48 -6.35
C LYS A 145 -19.72 -2.26 -7.86
N LYS A 146 -20.82 -2.74 -8.44
CA LYS A 146 -21.13 -2.47 -9.85
C LYS A 146 -21.39 -0.98 -10.08
N ASP A 147 -21.99 -0.33 -9.08
CA ASP A 147 -22.27 1.10 -9.11
C ASP A 147 -21.00 1.94 -9.11
N LEU A 148 -20.03 1.53 -8.27
CA LEU A 148 -18.73 2.21 -8.22
C LEU A 148 -17.94 1.99 -9.50
N ILE A 149 -18.11 0.83 -10.11
CA ILE A 149 -17.46 0.50 -11.39
C ILE A 149 -17.99 1.34 -12.55
N GLN A 150 -19.32 1.52 -12.61
CA GLN A 150 -19.94 2.33 -13.65
C GLN A 150 -19.55 3.81 -13.55
N SER A 151 -19.46 4.32 -12.33
CA SER A 151 -18.96 5.67 -12.05
C SER A 151 -17.53 5.85 -12.56
N ASP A 152 -16.72 4.80 -12.41
CA ASP A 152 -15.34 4.79 -12.92
C ASP A 152 -15.29 4.73 -14.45
N ILE A 153 -16.19 3.95 -15.04
CA ILE A 153 -16.27 3.82 -16.50
C ILE A 153 -16.73 5.12 -17.15
N ALA A 154 -17.71 5.78 -16.54
CA ALA A 154 -18.21 7.08 -17.00
C ALA A 154 -17.11 8.14 -16.98
N ALA A 155 -16.35 8.18 -15.89
CA ALA A 155 -15.24 9.12 -15.72
C ALA A 155 -14.09 8.83 -16.68
N LEU A 156 -13.94 7.57 -17.07
CA LEU A 156 -12.94 7.16 -18.06
C LEU A 156 -13.23 7.76 -19.43
N HIS A 157 -14.47 7.64 -19.88
CA HIS A 157 -14.91 8.27 -21.13
C HIS A 157 -15.02 9.79 -21.00
N HIS A 158 -15.30 10.26 -19.78
CA HIS A 158 -15.43 11.68 -19.50
C HIS A 158 -14.13 12.44 -19.76
N PHE A 159 -13.01 11.84 -19.35
CA PHE A 159 -11.70 12.51 -19.40
C PHE A 159 -10.75 11.97 -20.46
N TYR A 160 -11.08 10.82 -21.05
CA TYR A 160 -10.14 10.11 -21.90
C TYR A 160 -10.61 9.82 -23.33
N SER A 161 -11.91 10.00 -23.58
CA SER A 161 -12.48 9.75 -24.91
C SER A 161 -11.69 10.37 -26.07
N LYS A 162 -11.17 11.58 -25.85
CA LYS A 162 -10.36 12.24 -26.87
C LYS A 162 -9.05 11.54 -27.19
N HIS A 163 -8.71 10.49 -26.43
CA HIS A 163 -7.43 9.83 -26.59
C HIS A 163 -7.48 8.30 -26.74
N LEU A 164 -8.22 7.60 -25.89
CA LEU A 164 -8.16 6.13 -25.98
C LEU A 164 -9.31 5.32 -26.53
N GLY A 165 -8.88 4.27 -27.25
CA GLY A 165 -9.72 3.21 -27.76
C GLY A 165 -10.24 2.40 -26.60
N PHE A 166 -11.56 2.49 -26.43
CA PHE A 166 -12.28 1.83 -25.35
C PHE A 166 -13.16 0.69 -25.89
N PRO A 167 -13.10 -0.49 -25.23
CA PRO A 167 -13.95 -1.63 -25.53
C PRO A 167 -15.38 -1.40 -25.01
N ASP A 168 -16.26 -2.38 -25.21
CA ASP A 168 -17.65 -2.29 -24.74
C ASP A 168 -17.73 -2.11 -23.22
N ASN A 169 -18.90 -1.72 -22.73
CA ASN A 169 -19.09 -1.51 -21.30
C ASN A 169 -18.75 -2.75 -20.47
N ASP A 170 -19.20 -3.90 -20.94
CA ASP A 170 -19.04 -5.16 -20.21
C ASP A 170 -17.60 -5.64 -20.06
N SER A 171 -16.74 -5.28 -21.01
CA SER A 171 -15.31 -5.60 -20.89
C SER A 171 -14.63 -4.69 -19.87
N LEU A 172 -15.10 -3.46 -19.78
CA LEU A 172 -14.56 -2.48 -18.82
C LEU A 172 -15.00 -2.77 -17.40
N VAL A 173 -16.19 -3.35 -17.23
CA VAL A 173 -16.63 -3.83 -15.92
C VAL A 173 -15.64 -4.88 -15.41
N VAL A 174 -15.35 -5.85 -16.27
CA VAL A 174 -14.39 -6.92 -16.01
C VAL A 174 -13.00 -6.36 -15.68
N LEU A 175 -12.49 -5.44 -16.51
CA LEU A 175 -11.16 -4.87 -16.31
C LEU A 175 -11.04 -4.11 -14.99
N PHE A 176 -12.02 -3.25 -14.69
CA PHE A 176 -12.04 -2.52 -13.42
C PHE A 176 -12.12 -3.45 -12.22
N ALA A 177 -12.90 -4.53 -12.37
CA ALA A 177 -12.98 -5.57 -11.35
C ALA A 177 -11.63 -6.29 -11.20
N GLN A 178 -10.97 -6.54 -12.33
CA GLN A 178 -9.64 -7.15 -12.34
C GLN A 178 -8.60 -6.26 -11.64
N VAL A 179 -8.69 -4.95 -11.87
CA VAL A 179 -7.80 -3.96 -11.26
C VAL A 179 -7.90 -4.00 -9.73
N ASN A 180 -9.13 -3.94 -9.21
CA ASN A 180 -9.39 -3.97 -7.77
C ASN A 180 -8.89 -5.25 -7.10
N CYS A 181 -8.96 -6.36 -7.83
CA CYS A 181 -8.58 -7.67 -7.31
C CYS A 181 -7.07 -7.88 -7.31
N ASN A 182 -6.39 -7.23 -8.26
CA ASN A 182 -4.98 -7.52 -8.52
C ASN A 182 -4.01 -6.37 -8.28
N GLY A 183 -4.52 -5.14 -8.37
CA GLY A 183 -3.69 -3.93 -8.30
C GLY A 183 -2.87 -3.78 -7.03
N PHE A 184 -1.77 -3.04 -7.16
CA PHE A 184 -0.85 -2.75 -6.06
C PHE A 184 -0.69 -1.24 -5.91
N THR A 185 -0.58 -0.78 -4.66
CA THR A 185 -0.13 0.58 -4.41
C THR A 185 1.38 0.56 -4.23
N ILE A 186 2.08 1.45 -4.94
CA ILE A 186 3.51 1.63 -4.73
C ILE A 186 3.72 2.54 -3.53
N GLU A 187 4.45 2.05 -2.55
CA GLU A 187 4.74 2.82 -1.33
C GLU A 187 6.23 3.10 -1.24
N ASP A 188 6.59 4.23 -0.62
CA ASP A 188 8.01 4.57 -0.46
C ASP A 188 8.60 3.95 0.82
N GLU A 189 9.65 4.49 1.31
CA GLU A 189 10.38 3.91 2.44
C GLU A 189 9.74 4.20 3.80
N GLU A 190 9.00 5.13 3.65
CA GLU A 190 8.23 5.50 4.84
C GLU A 190 6.78 5.01 4.74
N LEU A 191 6.54 4.15 3.75
CA LEU A 191 5.20 3.62 3.43
C LEU A 191 4.17 4.71 3.14
N SER A 192 4.61 5.76 2.45
CA SER A 192 3.71 6.78 1.94
C SER A 192 3.31 6.44 0.52
N HIS A 193 2.06 6.73 0.19
CA HIS A 193 1.47 6.41 -1.11
C HIS A 193 2.14 7.16 -2.27
N LEU A 194 2.86 6.42 -3.12
CA LEU A 194 3.50 7.00 -4.29
C LEU A 194 2.65 6.89 -5.55
N GLY A 195 1.95 5.76 -5.69
CA GLY A 195 1.10 5.53 -6.85
C GLY A 195 0.50 4.14 -6.93
N SER A 196 -0.13 3.86 -8.07
CA SER A 196 -0.80 2.60 -8.30
C SER A 196 -0.22 1.92 -9.53
N ALA A 197 -0.12 0.59 -9.48
CA ALA A 197 0.44 -0.16 -10.59
C ALA A 197 -0.21 -1.53 -10.76
N ILE A 198 -0.09 -2.08 -11.97
CA ILE A 198 -0.47 -3.44 -12.25
C ILE A 198 0.80 -4.27 -12.42
N PHE A 199 1.01 -5.21 -11.50
CA PHE A 199 2.12 -6.16 -11.58
C PHE A 199 1.55 -7.56 -11.78
N PRO A 200 1.33 -7.96 -13.05
CA PRO A 200 0.63 -9.20 -13.37
C PRO A 200 1.21 -10.46 -12.69
N ASP A 201 2.52 -10.66 -12.78
CA ASP A 201 3.19 -11.82 -12.20
C ASP A 201 3.21 -11.81 -10.67
N VAL A 202 3.24 -10.62 -10.08
CA VAL A 202 3.20 -10.46 -8.62
C VAL A 202 1.77 -10.70 -8.12
N ALA A 203 0.79 -10.43 -8.98
CA ALA A 203 -0.63 -10.63 -8.67
C ALA A 203 -1.04 -12.11 -8.59
N LEU A 204 -0.18 -13.00 -9.09
CA LEU A 204 -0.39 -14.43 -9.03
C LEU A 204 -0.35 -14.97 -7.59
N MET A 205 0.36 -14.25 -6.72
CA MET A 205 0.56 -14.70 -5.34
C MET A 205 -0.68 -14.51 -4.48
N ASN A 206 -1.01 -15.56 -3.73
CA ASN A 206 -2.11 -15.52 -2.78
C ASN A 206 -1.71 -14.83 -1.49
N HIS A 207 -2.70 -14.48 -0.66
CA HIS A 207 -2.48 -13.74 0.58
C HIS A 207 -2.33 -14.63 1.82
N SER A 208 -1.50 -14.17 2.76
CA SER A 208 -1.43 -14.72 4.11
C SER A 208 -1.12 -13.63 5.12
N CYS A 209 -1.61 -13.81 6.35
CA CYS A 209 -1.32 -12.90 7.45
C CYS A 209 -0.01 -13.25 8.15
N CYS A 210 0.56 -14.39 7.77
CA CYS A 210 1.95 -14.69 8.09
C CYS A 210 2.68 -15.02 6.78
N PRO A 211 2.93 -13.99 5.96
CA PRO A 211 3.48 -14.20 4.62
C PRO A 211 4.94 -14.66 4.65
N ASN A 212 5.34 -15.39 3.61
CA ASN A 212 6.74 -15.79 3.46
C ASN A 212 7.52 -14.90 2.48
N VAL A 213 6.83 -13.96 1.83
CA VAL A 213 7.49 -12.95 1.02
C VAL A 213 6.97 -11.54 1.27
N ILE A 214 7.72 -10.56 0.76
CA ILE A 214 7.38 -9.16 0.86
C ILE A 214 7.64 -8.48 -0.48
N VAL A 215 6.74 -7.59 -0.87
CA VAL A 215 6.89 -6.86 -2.12
C VAL A 215 7.47 -5.47 -1.82
N THR A 216 8.58 -5.15 -2.45
CA THR A 216 9.16 -3.81 -2.41
C THR A 216 9.31 -3.29 -3.84
N TYR A 217 9.72 -2.03 -3.97
CA TYR A 217 9.77 -1.37 -5.27
C TYR A 217 11.08 -0.66 -5.54
N LYS A 218 11.58 -0.81 -6.76
CA LYS A 218 12.75 -0.10 -7.25
C LYS A 218 12.29 0.76 -8.43
N GLY A 219 11.76 1.93 -8.11
CA GLY A 219 11.08 2.76 -9.10
C GLY A 219 9.72 2.17 -9.41
N THR A 220 9.54 1.72 -10.65
CA THR A 220 8.30 1.05 -11.07
C THR A 220 8.48 -0.47 -11.13
N LEU A 221 9.63 -0.96 -10.64
CA LEU A 221 9.94 -2.38 -10.67
C LEU A 221 9.69 -3.04 -9.31
N ALA A 222 8.72 -3.94 -9.27
CA ALA A 222 8.42 -4.70 -8.05
C ALA A 222 9.46 -5.78 -7.83
N GLU A 223 9.88 -5.93 -6.59
CA GLU A 223 10.83 -6.98 -6.21
C GLU A 223 10.25 -7.82 -5.08
N VAL A 224 10.39 -9.14 -5.21
CA VAL A 224 9.81 -10.09 -4.26
C VAL A 224 10.92 -10.84 -3.51
N ARG A 225 10.97 -10.62 -2.20
CA ARG A 225 12.00 -11.23 -1.36
C ARG A 225 11.41 -12.02 -0.21
N ALA A 226 12.06 -13.14 0.11
CA ALA A 226 11.63 -14.03 1.19
C ALA A 226 11.86 -13.39 2.56
N VAL A 227 10.86 -13.54 3.43
CA VAL A 227 10.95 -13.09 4.83
C VAL A 227 10.81 -14.29 5.76
N GLN A 228 10.59 -15.45 5.17
CA GLN A 228 10.62 -16.74 5.85
C GLN A 228 11.35 -17.70 4.93
N GLU A 229 11.91 -18.77 5.50
CA GLU A 229 12.50 -19.83 4.69
C GLU A 229 11.39 -20.53 3.89
N ILE A 230 11.59 -20.62 2.58
CA ILE A 230 10.64 -21.29 1.69
C ILE A 230 11.29 -22.54 1.12
N LYS A 231 10.55 -23.65 1.10
CA LYS A 231 11.05 -24.92 0.59
C LYS A 231 10.43 -25.25 -0.77
N PRO A 232 11.06 -26.16 -1.54
CA PRO A 232 10.45 -26.64 -2.79
C PRO A 232 9.05 -27.19 -2.55
N GLY A 233 8.13 -26.87 -3.45
CA GLY A 233 6.74 -27.32 -3.35
C GLY A 233 5.84 -26.45 -2.50
N GLU A 234 6.44 -25.56 -1.73
CA GLU A 234 5.68 -24.66 -0.86
C GLU A 234 5.15 -23.45 -1.63
N GLU A 235 3.89 -23.09 -1.36
CA GLU A 235 3.26 -21.92 -1.97
C GLU A 235 3.82 -20.62 -1.39
N VAL A 236 3.92 -19.61 -2.24
CA VAL A 236 4.45 -18.30 -1.88
C VAL A 236 3.30 -17.34 -1.59
N PHE A 237 3.24 -16.84 -0.35
CA PHE A 237 2.21 -15.89 0.02
C PHE A 237 2.76 -14.52 0.33
N THR A 238 2.18 -13.53 -0.33
CA THR A 238 2.42 -12.16 0.05
C THR A 238 1.27 -11.76 0.99
N SER A 239 1.26 -10.50 1.41
CA SER A 239 0.15 -9.96 2.19
C SER A 239 -0.50 -8.81 1.44
N TYR A 240 -1.83 -8.79 1.37
CA TYR A 240 -2.55 -7.74 0.65
C TYR A 240 -2.87 -6.53 1.53
N ILE A 241 -2.85 -6.71 2.84
CA ILE A 241 -3.32 -5.69 3.77
C ILE A 241 -2.38 -5.44 4.95
N ASP A 242 -2.62 -4.34 5.67
CA ASP A 242 -1.94 -4.00 6.91
C ASP A 242 -2.25 -5.04 7.99
N LEU A 243 -1.19 -5.67 8.51
CA LEU A 243 -1.34 -6.81 9.42
C LEU A 243 -1.41 -6.45 10.91
N LEU A 244 -1.49 -5.17 11.21
CA LEU A 244 -1.59 -4.69 12.59
C LEU A 244 -2.88 -5.14 13.29
N TYR A 245 -3.96 -5.19 12.52
CA TYR A 245 -5.31 -5.32 13.08
C TYR A 245 -5.71 -6.74 13.46
N PRO A 246 -6.73 -6.87 14.34
CA PRO A 246 -7.29 -8.16 14.75
C PRO A 246 -7.84 -8.97 13.59
N THR A 247 -8.05 -10.27 13.83
CA THR A 247 -8.48 -11.20 12.79
C THR A 247 -9.81 -10.82 12.12
N GLU A 248 -10.79 -10.39 12.92
CA GLU A 248 -12.08 -9.94 12.39
C GLU A 248 -11.90 -8.75 11.45
N ASP A 249 -11.15 -7.75 11.90
CA ASP A 249 -10.84 -6.56 11.10
C ASP A 249 -10.15 -6.94 9.78
N ARG A 250 -9.15 -7.82 9.86
CA ARG A 250 -8.41 -8.26 8.68
C ARG A 250 -9.33 -8.92 7.66
N ASN A 251 -10.14 -9.87 8.13
CA ASN A 251 -11.01 -10.64 7.25
C ASN A 251 -12.25 -9.90 6.75
N ASP A 252 -12.72 -8.91 7.49
CA ASP A 252 -13.75 -8.00 6.99
C ASP A 252 -13.25 -7.24 5.77
N ARG A 253 -12.02 -6.75 5.84
CA ARG A 253 -11.35 -6.08 4.72
C ARG A 253 -11.10 -7.05 3.56
N LEU A 254 -10.71 -8.29 3.88
CA LEU A 254 -10.40 -9.30 2.86
C LEU A 254 -11.63 -9.85 2.14
N ARG A 255 -12.72 -10.06 2.87
CA ARG A 255 -13.98 -10.48 2.26
C ARG A 255 -14.55 -9.36 1.39
N ASP A 256 -14.40 -8.14 1.89
CA ASP A 256 -14.93 -6.94 1.23
C ASP A 256 -14.25 -6.68 -0.10
N SER A 257 -12.92 -6.61 -0.10
CA SER A 257 -12.15 -6.27 -1.29
C SER A 257 -11.80 -7.47 -2.17
N TYR A 258 -11.62 -8.63 -1.55
CA TYR A 258 -11.04 -9.79 -2.25
C TYR A 258 -11.90 -11.05 -2.27
N PHE A 259 -13.06 -10.99 -1.59
CA PHE A 259 -14.05 -12.06 -1.57
C PHE A 259 -13.50 -13.40 -1.08
N PHE A 260 -12.76 -13.36 0.03
CA PHE A 260 -12.29 -14.58 0.68
C PHE A 260 -12.10 -14.39 2.17
N THR A 261 -12.13 -15.50 2.90
CA THR A 261 -11.77 -15.52 4.30
C THR A 261 -10.43 -16.24 4.43
N CYS A 262 -9.43 -15.55 4.95
CA CYS A 262 -8.10 -16.11 5.16
C CYS A 262 -8.15 -17.16 6.26
N GLU A 263 -7.43 -18.25 6.05
CA GLU A 263 -7.40 -19.36 7.00
C GLU A 263 -5.97 -19.71 7.39
N CYS A 264 -5.10 -18.69 7.44
CA CYS A 264 -3.71 -18.87 7.86
C CYS A 264 -3.63 -19.16 9.37
N GLN A 265 -2.44 -19.50 9.84
CA GLN A 265 -2.22 -19.87 11.25
C GLN A 265 -2.53 -18.71 12.20
N GLU A 266 -2.25 -17.49 11.76
CA GLU A 266 -2.58 -16.31 12.53
C GLU A 266 -4.10 -16.10 12.62
N CYS A 267 -4.81 -16.44 11.54
CA CYS A 267 -6.28 -16.33 11.52
C CYS A 267 -6.96 -17.48 12.26
N THR A 268 -6.31 -18.64 12.28
CA THR A 268 -6.84 -19.82 12.98
C THR A 268 -6.67 -19.72 14.50
N THR A 269 -5.43 -19.55 14.94
CA THR A 269 -5.11 -19.48 16.38
C THR A 269 -5.64 -18.21 17.05
N LYS A 270 -5.73 -17.13 16.26
CA LYS A 270 -6.06 -15.79 16.77
C LYS A 270 -5.06 -15.38 17.86
N ASP A 271 -3.85 -15.88 17.71
CA ASP A 271 -2.75 -15.77 18.69
C ASP A 271 -2.53 -14.36 19.23
N LYS A 272 -2.54 -13.37 18.33
CA LYS A 272 -2.16 -12.01 18.69
C LYS A 272 -3.33 -11.10 19.10
N ASP A 273 -4.56 -11.60 18.93
CA ASP A 273 -5.78 -10.83 19.20
C ASP A 273 -5.86 -10.27 20.61
N LYS A 274 -5.51 -11.11 21.59
CA LYS A 274 -5.54 -10.74 23.00
C LYS A 274 -4.68 -9.51 23.28
N ALA A 275 -3.46 -9.50 22.75
CA ALA A 275 -2.55 -8.37 22.89
C ALA A 275 -2.95 -7.19 22.00
N LYS A 276 -3.52 -7.50 20.84
CA LYS A 276 -3.96 -6.47 19.89
C LYS A 276 -5.14 -5.66 20.41
N VAL A 277 -6.07 -6.33 21.09
CA VAL A 277 -7.21 -5.66 21.73
C VAL A 277 -7.07 -5.70 23.26
N GLU A 278 -5.90 -5.26 23.74
CA GLU A 278 -5.56 -5.30 25.16
C GLU A 278 -6.47 -4.42 26.01
N ILE A 279 -7.08 -5.03 27.03
CA ILE A 279 -7.92 -4.32 27.99
C ILE A 279 -7.12 -4.06 29.27
N ARG A 280 -7.38 -2.92 29.90
CA ARG A 280 -6.69 -2.52 31.13
C ARG A 280 -7.12 -3.35 32.34
N LYS A 281 -6.27 -3.36 33.36
CA LYS A 281 -6.49 -4.13 34.58
C LYS A 281 -7.18 -3.28 35.65
N LEU A 282 -8.46 -3.02 35.46
CA LEU A 282 -9.24 -2.22 36.41
C LEU A 282 -9.94 -3.10 37.44
N SER A 283 -10.21 -2.52 38.61
CA SER A 283 -11.05 -3.14 39.61
C SER A 283 -12.51 -3.17 39.17
N ASP A 284 -12.86 -2.27 38.25
CA ASP A 284 -14.18 -2.27 37.62
C ASP A 284 -14.01 -2.36 36.09
N PRO A 285 -13.70 -3.57 35.58
CA PRO A 285 -13.37 -3.77 34.18
C PRO A 285 -14.60 -3.83 33.27
N PRO A 286 -14.48 -3.34 32.02
CA PRO A 286 -15.62 -3.34 31.11
C PRO A 286 -16.17 -4.74 30.86
N LYS A 287 -17.50 -4.83 30.74
CA LYS A 287 -18.17 -6.08 30.36
C LYS A 287 -17.86 -6.44 28.91
N ALA A 288 -18.08 -7.71 28.55
CA ALA A 288 -17.93 -8.17 27.18
C ALA A 288 -18.72 -7.30 26.19
N GLU A 289 -19.86 -6.79 26.66
CA GLU A 289 -20.69 -5.87 25.89
C GLU A 289 -20.05 -4.47 25.80
N ALA A 290 -19.49 -4.01 26.90
CA ALA A 290 -18.81 -2.71 26.95
C ALA A 290 -17.53 -2.70 26.11
N ILE A 291 -16.82 -3.83 26.10
CA ILE A 291 -15.66 -4.03 25.22
C ILE A 291 -16.13 -4.04 23.76
N ARG A 292 -17.19 -4.79 23.47
CA ARG A 292 -17.81 -4.86 22.16
C ARG A 292 -18.18 -3.46 21.63
N ASP A 293 -18.73 -2.63 22.52
CA ASP A 293 -19.17 -1.28 22.17
C ASP A 293 -18.03 -0.32 21.85
N MET A 294 -16.95 -0.39 22.63
CA MET A 294 -15.78 0.47 22.42
C MET A 294 -15.02 0.08 21.15
N VAL A 295 -14.97 -1.22 20.87
CA VAL A 295 -14.37 -1.75 19.65
C VAL A 295 -15.18 -1.33 18.41
N ARG A 296 -16.50 -1.37 18.55
CA ARG A 296 -17.41 -0.92 17.49
C ARG A 296 -17.24 0.59 17.23
N TYR A 297 -17.00 1.32 18.32
CA TYR A 297 -16.75 2.77 18.26
C TYR A 297 -15.42 3.08 17.59
N ALA A 298 -14.39 2.31 17.94
CA ALA A 298 -13.03 2.52 17.45
C ALA A 298 -12.93 2.34 15.94
N ARG A 299 -13.62 1.32 15.43
CA ARG A 299 -13.63 1.01 13.99
C ARG A 299 -14.43 2.04 13.19
N ASN A 300 -15.47 2.61 13.82
CA ASN A 300 -16.24 3.69 13.23
C ASN A 300 -15.46 5.00 13.20
N VAL A 301 -14.70 5.25 14.27
CA VAL A 301 -13.83 6.43 14.33
C VAL A 301 -12.72 6.34 13.28
N ILE A 302 -12.14 5.14 13.15
CA ILE A 302 -11.10 4.88 12.15
C ILE A 302 -11.57 5.21 10.72
N GLU A 303 -12.75 4.73 10.36
CA GLU A 303 -13.37 5.03 9.06
C GLU A 303 -13.70 6.51 8.87
N GLU A 304 -14.21 7.14 9.93
CA GLU A 304 -14.54 8.57 9.89
C GLU A 304 -13.32 9.47 9.72
N PHE A 305 -12.25 9.14 10.43
CA PHE A 305 -11.02 9.92 10.37
C PHE A 305 -10.43 9.82 8.97
N ARG A 306 -10.54 8.63 8.37
CA ARG A 306 -10.10 8.38 7.01
C ARG A 306 -10.75 9.33 6.01
N ARG A 307 -12.08 9.45 6.08
CA ARG A 307 -12.80 10.38 5.21
C ARG A 307 -12.64 11.84 5.66
N ALA A 308 -12.43 12.04 6.96
CA ALA A 308 -12.19 13.39 7.52
C ALA A 308 -10.83 13.96 7.10
N LYS A 309 -9.86 13.08 6.86
CA LYS A 309 -8.50 13.46 6.44
C LYS A 309 -8.47 14.34 5.20
N HIS A 310 -9.40 14.07 4.27
CA HIS A 310 -9.43 14.73 2.97
C HIS A 310 -9.74 16.22 3.00
N TYR A 311 -10.48 16.67 4.01
CA TYR A 311 -10.95 18.07 4.04
C TYR A 311 -10.72 18.84 5.35
N LYS A 312 -10.82 18.16 6.49
CA LYS A 312 -10.69 18.83 7.79
C LYS A 312 -9.29 19.38 8.04
N SER A 313 -9.22 20.51 8.75
CA SER A 313 -7.96 21.16 9.09
C SER A 313 -7.12 20.28 10.02
N PRO A 314 -5.78 20.46 10.02
CA PRO A 314 -4.89 19.64 10.86
C PRO A 314 -5.22 19.71 12.36
N SER A 315 -5.55 20.89 12.86
CA SER A 315 -5.90 21.08 14.27
C SER A 315 -7.20 20.36 14.64
N GLU A 316 -8.14 20.32 13.70
CA GLU A 316 -9.37 19.55 13.85
C GLU A 316 -9.08 18.06 13.86
N LEU A 317 -8.16 17.65 12.98
CA LEU A 317 -7.77 16.24 12.86
C LEU A 317 -7.04 15.74 14.10
N LEU A 318 -6.20 16.59 14.68
CA LEU A 318 -5.54 16.30 15.95
C LEU A 318 -6.56 16.12 17.06
N GLU A 319 -7.53 17.02 17.09
CA GLU A 319 -8.58 17.02 18.09
C GLU A 319 -9.29 15.67 18.17
N ILE A 320 -9.74 15.16 17.03
CA ILE A 320 -10.46 13.88 17.04
C ILE A 320 -9.54 12.73 17.46
N CYS A 321 -8.27 12.80 17.08
CA CYS A 321 -7.26 11.83 17.53
C CYS A 321 -7.13 11.82 19.05
N GLU A 322 -7.06 13.03 19.63
CA GLU A 322 -6.93 13.20 21.07
C GLU A 322 -8.21 12.81 21.82
N LEU A 323 -9.37 13.14 21.25
CA LEU A 323 -10.67 12.80 21.81
C LEU A 323 -10.89 11.30 21.83
N SER A 324 -10.53 10.64 20.72
CA SER A 324 -10.64 9.19 20.59
C SER A 324 -9.77 8.48 21.61
N GLN A 325 -8.53 8.93 21.73
CA GLN A 325 -7.55 8.32 22.63
C GLN A 325 -8.00 8.35 24.08
N GLU A 326 -8.36 9.54 24.57
CA GLU A 326 -8.75 9.71 25.98
C GLU A 326 -9.98 8.90 26.35
N LYS A 327 -10.93 8.81 25.43
CA LYS A 327 -12.14 8.01 25.60
C LYS A 327 -11.82 6.51 25.67
N MET A 328 -11.02 6.04 24.71
CA MET A 328 -10.61 4.64 24.66
C MET A 328 -9.66 4.26 25.79
N SER A 329 -8.83 5.22 26.22
CA SER A 329 -7.80 4.96 27.24
C SER A 329 -8.38 4.59 28.62
N SER A 330 -9.69 4.72 28.77
CA SER A 330 -10.39 4.32 29.99
C SER A 330 -10.57 2.79 30.06
N VAL A 331 -10.47 2.13 28.90
CA VAL A 331 -10.58 0.67 28.83
C VAL A 331 -9.43 0.00 28.06
N PHE A 332 -8.86 0.70 27.08
CA PHE A 332 -7.78 0.17 26.25
C PHE A 332 -6.40 0.55 26.78
N GLU A 333 -5.46 -0.38 26.66
CA GLU A 333 -4.05 -0.11 26.96
C GLU A 333 -3.43 0.69 25.81
N ASP A 334 -2.26 1.28 26.04
CA ASP A 334 -1.56 2.04 25.00
C ASP A 334 -1.09 1.18 23.84
N SER A 335 -0.81 -0.09 24.12
CA SER A 335 -0.38 -1.06 23.09
C SER A 335 -1.57 -1.69 22.34
N ASN A 336 -2.79 -1.32 22.73
CA ASN A 336 -3.99 -1.69 22.00
C ASN A 336 -3.91 -1.09 20.59
N VAL A 337 -4.31 -1.88 19.61
CA VAL A 337 -4.16 -1.52 18.20
C VAL A 337 -4.98 -0.28 17.78
N TYR A 338 -6.16 -0.12 18.37
CA TYR A 338 -7.02 1.02 18.08
C TYR A 338 -6.47 2.32 18.68
N MET A 339 -5.76 2.21 19.80
CA MET A 339 -5.01 3.33 20.36
C MET A 339 -3.83 3.65 19.46
N LEU A 340 -3.12 2.62 19.02
CA LEU A 340 -1.97 2.79 18.13
C LEU A 340 -2.36 3.48 16.82
N HIS A 341 -3.52 3.11 16.27
CA HIS A 341 -4.01 3.72 15.03
C HIS A 341 -4.11 5.24 15.13
N MET A 342 -4.82 5.70 16.17
CA MET A 342 -5.02 7.13 16.40
C MET A 342 -3.71 7.84 16.74
N MET A 343 -2.83 7.16 17.46
CA MET A 343 -1.48 7.66 17.75
C MET A 343 -0.70 7.88 16.47
N TYR A 344 -0.74 6.90 15.57
CA TYR A 344 -0.09 6.99 14.26
C TYR A 344 -0.63 8.15 13.42
N GLN A 345 -1.95 8.29 13.39
CA GLN A 345 -2.61 9.36 12.64
C GLN A 345 -2.32 10.73 13.24
N ALA A 346 -2.27 10.80 14.57
CA ALA A 346 -1.90 12.02 15.28
C ALA A 346 -0.45 12.41 14.98
N MET A 347 0.43 11.40 14.90
CA MET A 347 1.82 11.61 14.54
C MET A 347 1.96 12.26 13.17
N GLY A 348 1.19 11.76 12.20
CA GLY A 348 1.20 12.28 10.83
C GLY A 348 0.73 13.71 10.70
N VAL A 349 -0.32 14.06 11.45
CA VAL A 349 -0.82 15.43 11.50
C VAL A 349 0.24 16.38 12.07
N CYS A 350 0.88 15.97 13.16
CA CYS A 350 1.96 16.74 13.79
C CYS A 350 3.12 16.99 12.82
N LEU A 351 3.36 16.04 11.92
CA LEU A 351 4.39 16.17 10.89
C LEU A 351 4.05 17.24 9.85
N TYR A 352 2.79 17.29 9.45
CA TYR A 352 2.32 18.33 8.52
C TYR A 352 2.30 19.69 9.20
N MET A 353 1.87 19.72 10.46
CA MET A 353 1.89 20.93 11.28
C MET A 353 3.31 21.40 11.56
N GLN A 354 4.28 20.56 11.23
CA GLN A 354 5.70 20.76 11.54
C GLN A 354 5.98 20.81 13.05
N ASP A 355 5.06 20.24 13.82
CA ASP A 355 5.25 19.98 15.24
C ASP A 355 6.13 18.72 15.35
N TRP A 356 7.44 18.92 15.19
CA TRP A 356 8.40 17.81 15.18
C TRP A 356 8.49 17.12 16.54
N GLU A 357 8.28 17.90 17.60
CA GLU A 357 8.35 17.42 18.98
C GLU A 357 7.13 16.56 19.34
N GLY A 358 5.96 16.99 18.88
CA GLY A 358 4.73 16.23 19.10
C GLY A 358 4.73 14.94 18.30
N ALA A 359 5.30 14.99 17.10
CA ALA A 359 5.42 13.82 16.23
C ALA A 359 6.33 12.76 16.84
N LEU A 360 7.50 13.19 17.34
CA LEU A 360 8.45 12.29 17.99
C LEU A 360 7.84 11.64 19.22
N GLN A 361 7.07 12.42 19.99
CA GLN A 361 6.38 11.94 21.18
C GLN A 361 5.50 10.74 20.88
N TYR A 362 4.69 10.84 19.82
CA TYR A 362 3.80 9.76 19.39
C TYR A 362 4.58 8.54 18.91
N GLY A 363 5.58 8.77 18.06
CA GLY A 363 6.43 7.69 17.52
C GLY A 363 7.06 6.81 18.59
N GLN A 364 7.45 7.43 19.71
CA GLN A 364 8.04 6.72 20.85
C GLN A 364 7.05 5.78 21.54
N LYS A 365 5.77 6.16 21.53
CA LYS A 365 4.70 5.35 22.14
C LYS A 365 4.31 4.17 21.25
N ILE A 366 4.62 4.29 19.96
CA ILE A 366 4.14 3.36 18.93
C ILE A 366 5.09 2.20 18.63
N ILE A 367 6.40 2.49 18.64
CA ILE A 367 7.42 1.57 18.13
C ILE A 367 7.48 0.17 18.78
N LYS A 368 7.42 0.11 20.11
CA LYS A 368 7.55 -1.17 20.83
C LYS A 368 6.32 -2.08 20.64
N PRO A 369 5.09 -1.54 20.77
CA PRO A 369 3.91 -2.34 20.44
C PRO A 369 3.85 -2.78 18.97
N TYR A 370 4.40 -1.96 18.07
CA TYR A 370 4.49 -2.29 16.65
C TYR A 370 5.37 -3.53 16.38
N SER A 371 6.50 -3.61 17.08
CA SER A 371 7.41 -4.76 16.97
C SER A 371 6.74 -6.05 17.41
N LYS A 372 5.87 -5.94 18.41
CA LYS A 372 5.16 -7.08 18.98
C LYS A 372 4.08 -7.61 18.04
N HIS A 373 3.26 -6.71 17.50
CA HIS A 373 2.10 -7.08 16.68
C HIS A 373 2.45 -7.50 15.26
N TYR A 374 3.41 -6.80 14.65
CA TYR A 374 3.83 -7.11 13.30
C TYR A 374 4.76 -8.33 13.26
N PRO A 375 4.79 -9.04 12.12
CA PRO A 375 5.74 -10.15 11.98
C PRO A 375 7.18 -9.66 11.83
N LEU A 376 8.12 -10.60 11.76
CA LEU A 376 9.54 -10.26 11.57
C LEU A 376 9.75 -9.72 10.17
N TYR A 377 10.68 -8.78 10.06
CA TYR A 377 11.05 -8.13 8.79
C TYR A 377 9.91 -7.31 8.18
N SER A 378 9.07 -6.75 9.05
CA SER A 378 7.97 -5.90 8.63
C SER A 378 8.47 -4.50 8.29
N LEU A 379 8.08 -4.02 7.11
CA LEU A 379 8.41 -2.67 6.68
C LEU A 379 7.53 -1.62 7.36
N ASN A 380 6.46 -2.06 8.05
CA ASN A 380 5.67 -1.23 8.92
C ASN A 380 6.51 -0.78 10.14
N VAL A 381 7.23 -1.71 10.71
CA VAL A 381 8.15 -1.45 11.82
C VAL A 381 9.35 -0.64 11.37
N ALA A 382 9.91 -1.00 10.22
CA ALA A 382 11.09 -0.35 9.66
C ALA A 382 10.86 1.15 9.40
N SER A 383 9.73 1.48 8.81
CA SER A 383 9.38 2.86 8.47
C SER A 383 9.08 3.71 9.70
N MET A 384 8.59 3.06 10.75
CA MET A 384 8.37 3.72 12.05
C MET A 384 9.71 4.09 12.69
N TRP A 385 10.66 3.16 12.66
CA TRP A 385 12.04 3.43 13.08
C TRP A 385 12.64 4.57 12.28
N LEU A 386 12.44 4.53 10.97
CA LEU A 386 12.96 5.52 10.04
C LEU A 386 12.33 6.90 10.23
N LYS A 387 11.05 6.93 10.58
CA LYS A 387 10.36 8.16 10.95
C LYS A 387 10.93 8.72 12.25
N LEU A 388 11.07 7.85 13.26
CA LEU A 388 11.70 8.20 14.53
C LEU A 388 13.13 8.71 14.33
N GLY A 389 13.89 7.98 13.52
CA GLY A 389 15.28 8.33 13.23
C GLY A 389 15.44 9.70 12.61
N ARG A 390 14.66 9.97 11.57
CA ARG A 390 14.70 11.26 10.86
C ARG A 390 14.18 12.41 11.72
N LEU A 391 13.39 12.09 12.74
CA LEU A 391 12.91 13.08 13.71
C LEU A 391 13.97 13.41 14.76
N TYR A 392 14.68 12.38 15.25
CA TYR A 392 15.81 12.58 16.16
C TYR A 392 16.92 13.38 15.49
N MET A 393 17.22 13.03 14.24
CA MET A 393 18.27 13.67 13.46
C MET A 393 17.96 15.13 13.14
N GLY A 394 16.70 15.41 12.85
CA GLY A 394 16.25 16.78 12.56
C GLY A 394 16.27 17.67 13.80
N LEU A 395 16.17 17.05 14.97
CA LEU A 395 16.18 17.76 16.24
C LEU A 395 17.56 17.72 16.93
N GLU A 396 18.57 17.26 16.19
CA GLU A 396 19.98 17.22 16.65
C GLU A 396 20.29 16.19 17.75
N HIS A 397 19.47 15.15 17.85
CA HIS A 397 19.70 14.06 18.81
C HIS A 397 20.27 12.86 18.06
N LYS A 398 21.60 12.83 17.96
CA LYS A 398 22.29 11.93 17.02
C LYS A 398 22.46 10.47 17.46
N ALA A 399 22.66 10.24 18.75
CA ALA A 399 22.78 8.87 19.29
C ALA A 399 21.48 8.09 19.09
N ALA A 400 20.35 8.73 19.42
CA ALA A 400 19.03 8.13 19.27
C ALA A 400 18.63 7.99 17.82
N GLY A 401 19.06 8.94 16.99
CA GLY A 401 18.75 8.95 15.57
C GLY A 401 19.40 7.82 14.80
N GLU A 402 20.71 7.70 14.96
CA GLU A 402 21.49 6.67 14.28
C GLU A 402 21.09 5.25 14.72
N LYS A 403 20.78 5.10 16.01
CA LYS A 403 20.33 3.82 16.56
C LYS A 403 19.01 3.38 15.91
N ALA A 404 18.09 4.33 15.74
CA ALA A 404 16.78 4.07 15.12
C ALA A 404 16.90 3.81 13.62
N LEU A 405 17.79 4.54 12.96
CA LEU A 405 18.00 4.40 11.51
C LEU A 405 18.65 3.06 11.15
N LYS A 406 19.49 2.56 12.05
CA LYS A 406 20.13 1.25 11.88
C LYS A 406 19.11 0.12 12.05
N LYS A 407 18.17 0.32 12.98
CA LYS A 407 17.02 -0.57 13.14
C LYS A 407 16.22 -0.66 11.83
N ALA A 408 16.07 0.48 11.16
CA ALA A 408 15.39 0.54 9.87
C ALA A 408 16.17 -0.19 8.78
N ILE A 409 17.45 0.17 8.64
CA ILE A 409 18.36 -0.46 7.66
C ILE A 409 18.41 -1.99 7.80
N ALA A 410 18.51 -2.47 9.03
CA ALA A 410 18.60 -3.91 9.32
C ALA A 410 17.42 -4.72 8.75
N ILE A 411 16.22 -4.14 8.81
CA ILE A 411 15.03 -4.77 8.24
C ILE A 411 15.00 -4.59 6.73
N MET A 412 15.34 -3.38 6.28
CA MET A 412 15.28 -3.02 4.86
C MET A 412 16.28 -3.79 4.00
N GLU A 413 17.37 -4.26 4.60
CA GLU A 413 18.34 -5.12 3.91
C GLU A 413 17.69 -6.44 3.48
N VAL A 414 16.93 -7.02 4.40
CA VAL A 414 16.17 -8.24 4.12
C VAL A 414 15.09 -7.98 3.08
N ALA A 415 14.23 -7.00 3.37
CA ALA A 415 13.06 -6.72 2.53
C ALA A 415 13.41 -6.08 1.18
N HIS A 416 14.34 -5.13 1.18
CA HIS A 416 14.70 -4.38 -0.02
C HIS A 416 15.93 -4.92 -0.75
N GLY A 417 16.74 -5.73 -0.07
CA GLY A 417 18.02 -6.15 -0.62
C GLY A 417 19.12 -5.22 -0.13
N LYS A 418 20.26 -5.81 0.25
CA LYS A 418 21.37 -5.08 0.87
C LYS A 418 21.83 -3.82 0.15
N ASP A 419 21.65 -3.79 -1.17
CA ASP A 419 22.11 -2.66 -1.98
C ASP A 419 20.99 -1.97 -2.77
N HIS A 420 19.85 -1.79 -2.11
CA HIS A 420 18.75 -1.00 -2.68
C HIS A 420 19.09 0.49 -2.51
N PRO A 421 18.74 1.31 -3.51
CA PRO A 421 18.97 2.76 -3.43
C PRO A 421 18.58 3.39 -2.08
N TYR A 422 17.52 2.87 -1.45
CA TYR A 422 17.03 3.39 -0.17
C TYR A 422 18.02 3.27 0.98
N ILE A 423 18.67 2.12 1.09
CA ILE A 423 19.58 1.84 2.21
C ILE A 423 20.82 2.75 2.18
N SER A 424 21.31 3.03 0.97
CA SER A 424 22.43 3.96 0.79
C SER A 424 22.00 5.41 1.00
N GLU A 425 20.71 5.67 0.83
CA GLU A 425 20.10 6.97 1.14
C GLU A 425 20.08 7.20 2.65
N ILE A 426 19.77 6.18 3.41
CA ILE A 426 19.69 6.24 4.87
C ILE A 426 21.07 6.18 5.53
N LYS A 427 21.99 5.45 4.91
CA LYS A 427 23.37 5.38 5.39
C LYS A 427 24.09 6.72 5.26
N GLN A 428 23.73 7.49 4.23
CA GLN A 428 24.24 8.85 4.05
C GLN A 428 23.79 9.76 5.18
N GLU A 429 22.58 9.54 5.67
CA GLU A 429 22.05 10.28 6.83
C GLU A 429 22.83 9.96 8.10
N ILE A 430 23.39 8.74 8.15
CA ILE A 430 24.30 8.33 9.22
C ILE A 430 25.74 8.66 8.81
N HIS B 4 -9.34 -1.02 -0.83
CA HIS B 4 -8.58 -0.60 -2.05
C HIS B 4 -7.45 -1.55 -2.41
N LEU B 5 -6.51 -1.07 -3.22
CA LEU B 5 -5.41 -1.87 -3.75
C LEU B 5 -4.46 -2.40 -2.67
N LYS B 6 -3.67 -3.42 -3.02
CA LYS B 6 -2.77 -4.09 -2.09
C LYS B 6 -1.71 -3.14 -1.52
N SER B 7 -1.63 -3.09 -0.19
CA SER B 7 -0.66 -2.23 0.51
C SER B 7 -0.36 -2.69 1.93
N LYS B 8 0.77 -2.24 2.46
CA LYS B 8 1.20 -2.57 3.81
C LYS B 8 0.58 -1.62 4.83
N LYS B 9 0.24 -0.42 4.37
CA LYS B 9 -0.43 0.57 5.19
C LYS B 9 -1.48 1.29 4.35
N GLY B 10 -2.17 2.25 4.96
CA GLY B 10 -3.21 3.02 4.28
C GLY B 10 -4.34 3.31 5.24
N GLN B 11 -4.00 3.32 6.53
CA GLN B 11 -4.95 3.50 7.63
C GLN B 11 -5.99 4.58 7.37
C1 GOL C . 4.91 -5.76 5.67
O1 GOL C . 5.48 -4.72 6.44
C2 GOL C . 4.23 -6.80 6.56
O2 GOL C . 4.25 -6.43 7.93
C3 GOL C . 4.89 -8.16 6.38
O3 GOL C . 4.92 -8.49 5.02
N SAH D . -5.66 -16.87 -6.88
CA SAH D . -5.74 -15.67 -7.75
CB SAH D . -4.42 -14.89 -7.70
CG SAH D . -4.46 -13.83 -6.60
SD SAH D . -5.61 -12.55 -6.98
C SAH D . -6.06 -16.07 -9.16
O SAH D . -6.32 -17.24 -9.47
OXT SAH D . -6.10 -15.24 -10.07
C5' SAH D . -6.49 -12.41 -5.46
C4' SAH D . -7.55 -13.51 -5.37
O4' SAH D . -6.93 -14.77 -5.01
C3' SAH D . -8.59 -13.26 -4.29
O3' SAH D . -9.70 -12.52 -4.80
C2' SAH D . -9.00 -14.66 -3.87
O2' SAH D . -9.96 -15.19 -4.79
C1' SAH D . -7.72 -15.46 -4.03
N9 SAH D . -6.99 -15.59 -2.74
C8 SAH D . -5.87 -14.89 -2.42
N7 SAH D . -5.43 -15.23 -1.17
C5 SAH D . -6.28 -16.15 -0.69
C6 SAH D . -6.39 -16.93 0.57
N6 SAH D . -5.49 -16.76 1.56
N1 SAH D . -7.42 -17.79 0.69
C2 SAH D . -8.33 -17.96 -0.30
N3 SAH D . -8.28 -17.30 -1.46
C4 SAH D . -7.30 -16.39 -1.72
ZN ZN E . -4.84 -14.82 7.78
ZN ZN F . 12.40 9.84 -14.91
ZN ZN G . 1.76 17.47 -20.67
#